data_8UM0
#
_entry.id   8UM0
#
_cell.length_a   93.184
_cell.length_b   64.691
_cell.length_c   65.578
_cell.angle_alpha   90.00
_cell.angle_beta   102.75
_cell.angle_gamma   90.00
#
_symmetry.space_group_name_H-M   'C 1 2 1'
#
loop_
_entity.id
_entity.type
_entity.pdbx_description
1 polymer Sialidase
2 branched beta-D-galactopyranose-(1-4)-2-acetamido-2-deoxy-beta-D-glucopyranose
3 non-polymer '5-acetamido-7,9-di-O-acetyl-3,5-dideoxy-D-glycero-alpha-D-galacto-non-2-ulopyranosonic acid'
4 non-polymer 1,2-ETHANEDIOL
5 water water
#
_entity_poly.entity_id   1
_entity_poly.type   'polypeptide(L)'
_entity_poly.pdbx_seq_one_letter_code
;HMCNKNNTFEKNLDISHKPEPLILFNKDNNIWNSKYFRIPNIQLLNDGTILTFSDIRYNGPDNHAYIDIASARSTDFGKT
WSYDIAMKNNRIDSTYSRVMDSTTVITNTGRIILIAGSWNTNGNWAMTTSTRRSDWSVQMIYSDDNGLTWSNKIDLTKDS
SKVKNQPSNTIGWLGGVGSGIVMDDGTIVMPAQISLRENNENNYYSLIIYSKDNGETWTMGNKVPNSNTSENMVIELDGA
LIMSTRYDYSGYRAAYISHDLGSTWEIYEPLNGKVLTGKGSGCQGSFIKATTSNGHRIGLISAPKNTKGEYIRDNIAVYM
IDFDDLSKRVQEICIPYPKDGNKLGGGYSCLSFKNSHLSIVYEANGNIEYQDLTPYYSLINKQ
;
_entity_poly.pdbx_strand_id   A
#
# COMPACT_ATOMS: atom_id res chain seq x y z
N PRO A 21 7.50 16.55 -13.41
CA PRO A 21 7.46 15.15 -12.97
C PRO A 21 7.40 14.17 -14.14
N LEU A 22 8.13 13.07 -14.05
CA LEU A 22 8.15 12.06 -15.11
C LEU A 22 6.88 11.23 -15.04
N ILE A 23 6.26 11.01 -16.21
CA ILE A 23 5.07 10.17 -16.30
C ILE A 23 5.52 8.71 -16.40
N LEU A 24 5.31 7.95 -15.32
CA LEU A 24 5.81 6.58 -15.28
C LEU A 24 4.88 5.63 -16.03
N PHE A 25 3.57 5.71 -15.77
CA PHE A 25 2.57 4.93 -16.49
C PHE A 25 1.62 5.90 -17.18
N ASN A 26 1.66 5.92 -18.50
CA ASN A 26 0.91 6.89 -19.30
C ASN A 26 -0.34 6.23 -19.88
N LYS A 27 -1.51 6.79 -19.58
CA LYS A 27 -2.75 6.30 -20.15
C LYS A 27 -2.84 6.58 -21.64
N ASP A 28 -2.12 7.58 -22.13
CA ASP A 28 -2.14 7.96 -23.54
C ASP A 28 -1.00 7.37 -24.33
N ASN A 29 -0.10 6.62 -23.68
CA ASN A 29 1.04 6.02 -24.36
C ASN A 29 1.65 4.90 -23.52
N ASN A 30 1.13 3.68 -23.67
CA ASN A 30 1.66 2.53 -22.94
C ASN A 30 1.59 1.31 -23.84
N ILE A 31 2.45 0.33 -23.53
CA ILE A 31 2.60 -0.84 -24.39
C ILE A 31 1.39 -1.77 -24.35
N TRP A 32 0.48 -1.60 -23.41
CA TRP A 32 -0.74 -2.39 -23.35
C TRP A 32 -1.95 -1.63 -23.87
N ASN A 33 -1.78 -0.36 -24.25
CA ASN A 33 -2.89 0.49 -24.68
C ASN A 33 -3.99 0.55 -23.62
N SER A 34 -3.57 0.53 -22.36
CA SER A 34 -4.51 0.64 -21.25
C SER A 34 -5.06 2.06 -21.16
N LYS A 35 -6.36 2.16 -20.89
CA LYS A 35 -7.00 3.47 -20.80
C LYS A 35 -6.81 4.13 -19.45
N TYR A 36 -6.31 3.41 -18.45
CA TYR A 36 -6.24 3.94 -17.09
C TYR A 36 -5.21 3.16 -16.30
N PHE A 37 -4.59 3.84 -15.33
CA PHE A 37 -3.65 3.23 -14.41
C PHE A 37 -3.99 3.69 -13.00
N ARG A 38 -3.93 2.76 -12.05
CA ARG A 38 -4.29 3.06 -10.67
C ARG A 38 -3.40 2.26 -9.72
N ILE A 39 -3.46 2.66 -8.45
CA ILE A 39 -2.82 1.96 -7.33
C ILE A 39 -1.32 1.82 -7.57
N PRO A 40 -0.53 2.87 -7.38
CA PRO A 40 0.91 2.76 -7.61
C PRO A 40 1.63 2.16 -6.41
N ASN A 41 2.87 1.73 -6.67
CA ASN A 41 3.73 1.14 -5.66
C ASN A 41 5.17 1.36 -6.07
N ILE A 42 6.04 1.53 -5.09
CA ILE A 42 7.46 1.80 -5.36
C ILE A 42 8.30 1.14 -4.28
N GLN A 43 9.47 0.63 -4.69
CA GLN A 43 10.45 0.07 -3.77
C GLN A 43 11.84 0.50 -4.21
N LEU A 44 12.55 1.20 -3.33
CA LEU A 44 13.93 1.60 -3.59
C LEU A 44 14.84 0.46 -3.14
N LEU A 45 15.53 -0.16 -4.11
CA LEU A 45 16.40 -1.29 -3.80
C LEU A 45 17.72 -0.79 -3.21
N ASN A 46 18.44 -1.73 -2.60
CA ASN A 46 19.67 -1.37 -1.89
C ASN A 46 20.76 -0.88 -2.84
N ASP A 47 20.81 -1.43 -4.06
CA ASP A 47 21.84 -1.07 -5.02
C ASP A 47 21.45 0.09 -5.92
N GLY A 48 20.40 0.83 -5.58
CA GLY A 48 19.96 1.97 -6.35
C GLY A 48 18.86 1.69 -7.35
N THR A 49 18.51 0.42 -7.55
CA THR A 49 17.45 0.08 -8.49
C THR A 49 16.10 0.55 -7.97
N ILE A 50 15.29 1.14 -8.85
CA ILE A 50 13.95 1.57 -8.52
C ILE A 50 12.97 0.58 -9.16
N LEU A 51 12.15 -0.05 -8.33
CA LEU A 51 11.13 -0.98 -8.78
C LEU A 51 9.76 -0.43 -8.43
N THR A 52 8.88 -0.34 -9.42
CA THR A 52 7.54 0.20 -9.23
C THR A 52 6.51 -0.76 -9.83
N PHE A 53 5.28 -0.64 -9.33
CA PHE A 53 4.16 -1.43 -9.81
C PHE A 53 2.93 -0.54 -9.96
N SER A 54 1.93 -1.05 -10.66
CA SER A 54 0.67 -0.34 -10.85
C SER A 54 -0.35 -1.28 -11.46
N ASP A 55 -1.62 -0.99 -11.22
CA ASP A 55 -2.70 -1.73 -11.84
C ASP A 55 -2.77 -1.39 -13.33
N ILE A 56 -2.90 -2.41 -14.17
CA ILE A 56 -3.18 -2.22 -15.60
C ILE A 56 -4.69 -2.30 -15.73
N ARG A 57 -5.35 -1.15 -15.65
CA ARG A 57 -6.81 -1.09 -15.78
C ARG A 57 -7.11 -0.80 -17.25
N TYR A 58 -7.29 -1.88 -18.01
CA TYR A 58 -7.41 -1.76 -19.46
C TYR A 58 -8.65 -0.97 -19.87
N ASN A 59 -9.82 -1.37 -19.37
CA ASN A 59 -11.08 -0.86 -19.86
C ASN A 59 -11.48 0.48 -19.26
N GLY A 60 -10.79 0.95 -18.22
CA GLY A 60 -11.13 2.22 -17.62
C GLY A 60 -10.73 2.30 -16.16
N PRO A 61 -11.33 3.25 -15.42
CA PRO A 61 -10.93 3.46 -14.03
C PRO A 61 -11.63 2.54 -13.03
N ASP A 62 -12.62 1.77 -13.45
CA ASP A 62 -13.44 1.00 -12.52
C ASP A 62 -12.61 -0.05 -11.79
N ASN A 63 -12.91 -0.26 -10.51
CA ASN A 63 -12.25 -1.31 -9.75
C ASN A 63 -12.70 -2.68 -10.20
N HIS A 64 -13.98 -2.84 -10.51
CA HIS A 64 -14.54 -4.13 -10.91
C HIS A 64 -14.48 -4.22 -12.43
N ALA A 65 -13.28 -4.50 -12.93
CA ALA A 65 -13.03 -4.56 -14.37
C ALA A 65 -11.88 -5.53 -14.62
N TYR A 66 -11.33 -5.47 -15.83
CA TYR A 66 -10.26 -6.36 -16.27
C TYR A 66 -8.91 -5.71 -15.95
N ILE A 67 -8.20 -6.26 -14.96
CA ILE A 67 -7.00 -5.63 -14.44
C ILE A 67 -5.88 -6.66 -14.30
N ASP A 68 -4.69 -6.30 -14.77
CA ASP A 68 -3.43 -6.96 -14.43
C ASP A 68 -2.56 -5.95 -13.70
N ILE A 69 -1.42 -6.42 -13.18
CA ILE A 69 -0.49 -5.59 -12.43
C ILE A 69 0.83 -5.53 -13.19
N ALA A 70 1.31 -4.32 -13.46
CA ALA A 70 2.52 -4.09 -14.22
C ALA A 70 3.71 -3.88 -13.29
N SER A 71 4.89 -3.79 -13.90
CA SER A 71 6.12 -3.50 -13.20
C SER A 71 6.98 -2.60 -14.08
N ALA A 72 7.50 -1.53 -13.49
CA ALA A 72 8.43 -0.63 -14.17
C ALA A 72 9.74 -0.61 -13.39
N ARG A 73 10.84 -0.91 -14.07
CA ARG A 73 12.14 -1.08 -13.45
C ARG A 73 13.13 -0.09 -14.05
N SER A 74 13.92 0.55 -13.19
CA SER A 74 14.91 1.53 -13.62
C SER A 74 16.25 1.20 -12.99
N THR A 75 17.29 1.18 -13.83
CA THR A 75 18.66 1.01 -13.36
C THR A 75 19.49 2.27 -13.54
N ASP A 76 18.84 3.41 -13.81
CA ASP A 76 19.53 4.68 -14.01
C ASP A 76 18.87 5.80 -13.22
N PHE A 77 18.30 5.46 -12.05
CA PHE A 77 17.72 6.43 -11.13
C PHE A 77 16.55 7.19 -11.76
N GLY A 78 15.69 6.47 -12.48
CA GLY A 78 14.43 7.02 -12.94
C GLY A 78 14.44 7.71 -14.29
N LYS A 79 15.53 7.60 -15.06
CA LYS A 79 15.55 8.22 -16.38
C LYS A 79 14.89 7.32 -17.42
N THR A 80 15.28 6.04 -17.46
CA THR A 80 14.72 5.06 -18.37
C THR A 80 14.07 3.94 -17.56
N TRP A 81 13.00 3.36 -18.11
CA TRP A 81 12.24 2.33 -17.42
C TRP A 81 12.00 1.15 -18.35
N SER A 82 12.07 -0.05 -17.79
CA SER A 82 11.71 -1.28 -18.49
C SER A 82 10.41 -1.81 -17.92
N TYR A 83 9.46 -2.13 -18.81
CA TYR A 83 8.10 -2.46 -18.42
C TYR A 83 7.82 -3.94 -18.65
N ASP A 84 7.01 -4.50 -17.76
CA ASP A 84 6.64 -5.91 -17.82
C ASP A 84 5.33 -6.09 -17.05
N ILE A 85 4.70 -7.26 -17.26
CA ILE A 85 3.51 -7.65 -16.52
C ILE A 85 3.95 -8.59 -15.40
N ALA A 86 3.87 -8.11 -14.16
CA ALA A 86 4.33 -8.91 -13.03
C ALA A 86 3.33 -10.00 -12.67
N MET A 87 2.04 -9.69 -12.70
CA MET A 87 1.01 -10.65 -12.35
C MET A 87 -0.20 -10.46 -13.26
N LYS A 88 -0.76 -11.59 -13.71
CA LYS A 88 -1.96 -11.60 -14.53
C LYS A 88 -3.12 -12.14 -13.70
N ASN A 89 -4.34 -11.72 -14.04
CA ASN A 89 -5.52 -12.23 -13.37
C ASN A 89 -5.77 -13.68 -13.77
N ASN A 90 -6.80 -14.28 -13.17
CA ASN A 90 -7.08 -15.69 -13.41
C ASN A 90 -7.58 -15.96 -14.83
N ARG A 91 -7.73 -14.93 -15.66
CA ARG A 91 -8.13 -15.07 -17.07
C ARG A 91 -9.48 -15.75 -17.23
N ILE A 92 -10.32 -15.73 -16.18
CA ILE A 92 -11.60 -16.42 -16.24
C ILE A 92 -12.66 -15.54 -16.88
N ASP A 93 -12.74 -14.28 -16.47
CA ASP A 93 -13.79 -13.36 -16.92
C ASP A 93 -13.13 -12.23 -17.70
N SER A 94 -13.41 -12.15 -19.00
CA SER A 94 -12.85 -11.10 -19.82
C SER A 94 -13.31 -9.71 -19.40
N THR A 95 -14.30 -9.61 -18.51
CA THR A 95 -14.82 -8.34 -18.04
C THR A 95 -14.42 -8.04 -16.60
N TYR A 96 -14.37 -9.03 -15.72
CA TYR A 96 -14.19 -8.78 -14.29
C TYR A 96 -12.98 -9.46 -13.66
N SER A 97 -12.23 -10.28 -14.39
CA SER A 97 -11.05 -10.91 -13.82
C SER A 97 -10.00 -9.84 -13.51
N ARG A 98 -9.47 -9.87 -12.29
CA ARG A 98 -8.59 -8.80 -11.86
C ARG A 98 -7.69 -9.26 -10.73
N VAL A 99 -6.41 -8.89 -10.80
CA VAL A 99 -5.49 -8.90 -9.68
C VAL A 99 -5.04 -7.46 -9.48
N MET A 100 -5.22 -6.94 -8.26
CA MET A 100 -5.14 -5.50 -8.06
C MET A 100 -4.68 -5.18 -6.65
N ASP A 101 -4.43 -3.88 -6.43
CA ASP A 101 -4.11 -3.32 -5.11
C ASP A 101 -2.88 -4.01 -4.50
N SER A 102 -1.73 -3.66 -5.06
CA SER A 102 -0.49 -4.33 -4.74
C SER A 102 0.05 -3.91 -3.37
N THR A 103 0.60 -4.88 -2.64
CA THR A 103 1.34 -4.64 -1.42
C THR A 103 2.66 -5.38 -1.53
N THR A 104 3.77 -4.64 -1.42
CA THR A 104 5.09 -5.19 -1.69
C THR A 104 5.98 -5.06 -0.46
N VAL A 105 7.13 -5.74 -0.53
CA VAL A 105 8.13 -5.72 0.53
C VAL A 105 9.44 -6.28 -0.01
N ILE A 106 10.55 -5.86 0.58
CA ILE A 106 11.87 -6.40 0.26
C ILE A 106 12.40 -7.08 1.51
N THR A 107 12.57 -8.40 1.44
CA THR A 107 13.08 -9.15 2.58
C THR A 107 14.56 -8.85 2.78
N ASN A 108 15.10 -9.36 3.90
CA ASN A 108 16.50 -9.14 4.21
C ASN A 108 17.44 -9.91 3.29
N THR A 109 16.93 -10.92 2.59
CA THR A 109 17.71 -11.63 1.58
C THR A 109 17.66 -10.95 0.22
N GLY A 110 16.98 -9.80 0.11
CA GLY A 110 16.77 -9.15 -1.16
C GLY A 110 15.54 -9.62 -1.91
N ARG A 111 14.83 -10.61 -1.40
CA ARG A 111 13.65 -11.12 -2.08
C ARG A 111 12.54 -10.07 -2.08
N ILE A 112 11.91 -9.87 -3.23
CA ILE A 112 10.85 -8.89 -3.40
C ILE A 112 9.53 -9.64 -3.50
N ILE A 113 8.65 -9.42 -2.54
CA ILE A 113 7.35 -10.09 -2.47
C ILE A 113 6.27 -9.11 -2.91
N LEU A 114 5.29 -9.59 -3.67
CA LEU A 114 4.13 -8.81 -4.04
C LEU A 114 2.87 -9.59 -3.69
N ILE A 115 1.96 -8.94 -2.97
CA ILE A 115 0.70 -9.53 -2.55
C ILE A 115 -0.43 -8.72 -3.16
N ALA A 116 -1.40 -9.40 -3.76
CA ALA A 116 -2.50 -8.74 -4.44
C ALA A 116 -3.78 -9.53 -4.27
N GLY A 117 -4.90 -8.82 -4.31
CA GLY A 117 -6.21 -9.47 -4.27
C GLY A 117 -6.67 -9.88 -5.65
N SER A 118 -7.39 -10.99 -5.70
CA SER A 118 -7.82 -11.58 -6.96
C SER A 118 -9.33 -11.82 -6.93
N TRP A 119 -10.02 -11.38 -7.98
CA TRP A 119 -11.44 -11.61 -8.14
C TRP A 119 -11.75 -11.78 -9.62
N ASN A 120 -13.00 -12.14 -9.91
CA ASN A 120 -13.45 -12.18 -11.30
C ASN A 120 -14.95 -11.94 -11.45
N THR A 121 -15.60 -11.31 -10.48
CA THR A 121 -17.02 -10.99 -10.55
C THR A 121 -17.21 -9.51 -10.28
N ASN A 122 -18.46 -9.07 -10.33
CA ASN A 122 -18.81 -7.67 -10.11
C ASN A 122 -19.25 -7.47 -8.66
N GLY A 123 -18.89 -6.33 -8.10
CA GLY A 123 -19.30 -5.99 -6.74
C GLY A 123 -18.15 -5.70 -5.81
N ASN A 124 -18.43 -4.94 -4.75
CA ASN A 124 -17.42 -4.62 -3.75
C ASN A 124 -16.88 -5.91 -3.13
N TRP A 125 -15.56 -5.94 -2.92
CA TRP A 125 -14.92 -7.15 -2.40
C TRP A 125 -15.35 -7.44 -0.96
N ALA A 126 -15.74 -6.42 -0.22
CA ALA A 126 -16.04 -6.57 1.21
C ALA A 126 -17.52 -6.59 1.52
N MET A 127 -18.37 -6.03 0.66
CA MET A 127 -19.78 -5.80 0.98
C MET A 127 -20.75 -6.64 0.17
N THR A 128 -20.31 -7.23 -0.94
CA THR A 128 -21.25 -7.89 -1.86
C THR A 128 -21.87 -9.13 -1.21
N THR A 129 -21.04 -10.10 -0.83
CA THR A 129 -21.51 -11.38 -0.34
C THR A 129 -21.52 -11.43 1.18
N SER A 130 -22.50 -12.14 1.74
CA SER A 130 -22.60 -12.34 3.17
C SER A 130 -21.77 -13.50 3.67
N THR A 131 -21.27 -14.35 2.78
CA THR A 131 -20.33 -15.41 3.11
C THR A 131 -19.01 -15.14 2.40
N ARG A 132 -18.09 -16.09 2.52
CA ARG A 132 -16.78 -15.94 1.89
C ARG A 132 -16.93 -15.77 0.39
N ARG A 133 -16.34 -14.70 -0.15
CA ARG A 133 -16.45 -14.40 -1.57
C ARG A 133 -15.84 -15.54 -2.38
N SER A 134 -16.67 -16.14 -3.24
CA SER A 134 -16.28 -17.38 -3.92
C SER A 134 -15.09 -17.17 -4.84
N ASP A 135 -15.12 -16.10 -5.64
CA ASP A 135 -14.06 -15.83 -6.59
C ASP A 135 -12.87 -15.09 -5.98
N TRP A 136 -12.87 -14.89 -4.66
CA TRP A 136 -11.80 -14.14 -4.01
C TRP A 136 -10.63 -15.05 -3.66
N SER A 137 -9.43 -14.53 -3.84
CA SER A 137 -8.21 -15.21 -3.42
C SER A 137 -7.10 -14.19 -3.31
N VAL A 138 -6.08 -14.53 -2.53
CA VAL A 138 -4.89 -13.71 -2.35
C VAL A 138 -3.75 -14.39 -3.09
N GLN A 139 -3.18 -13.70 -4.08
CA GLN A 139 -2.11 -14.23 -4.90
C GLN A 139 -0.79 -13.55 -4.52
N MET A 140 0.28 -14.33 -4.45
CA MET A 140 1.59 -13.84 -4.07
C MET A 140 2.63 -14.31 -5.06
N ILE A 141 3.48 -13.38 -5.50
CA ILE A 141 4.65 -13.69 -6.33
C ILE A 141 5.88 -13.11 -5.65
N TYR A 142 7.03 -13.70 -5.96
CA TYR A 142 8.30 -13.23 -5.40
C TYR A 142 9.37 -13.26 -6.48
N SER A 143 10.37 -12.40 -6.30
CA SER A 143 11.50 -12.30 -7.22
C SER A 143 12.79 -12.37 -6.42
N ASP A 144 13.67 -13.28 -6.81
CA ASP A 144 14.98 -13.42 -6.17
C ASP A 144 16.10 -12.83 -7.00
N ASP A 145 15.78 -12.08 -8.07
CA ASP A 145 16.76 -11.46 -8.94
C ASP A 145 16.51 -9.97 -9.07
N ASN A 146 16.10 -9.34 -7.97
CA ASN A 146 15.92 -7.88 -7.90
C ASN A 146 14.88 -7.39 -8.91
N GLY A 147 13.83 -8.18 -9.09
CA GLY A 147 12.71 -7.77 -9.93
C GLY A 147 12.86 -8.04 -11.40
N LEU A 148 13.82 -8.86 -11.81
CA LEU A 148 13.98 -9.17 -13.23
C LEU A 148 12.96 -10.22 -13.69
N THR A 149 12.87 -11.33 -12.97
CA THR A 149 11.90 -12.37 -13.25
C THR A 149 11.11 -12.67 -11.99
N TRP A 150 9.87 -13.14 -12.17
CA TRP A 150 8.97 -13.42 -11.07
C TRP A 150 8.60 -14.90 -11.06
N SER A 151 8.27 -15.41 -9.88
CA SER A 151 7.89 -16.80 -9.70
C SER A 151 6.45 -17.02 -10.17
N ASN A 152 5.97 -18.24 -9.97
CA ASN A 152 4.58 -18.55 -10.23
C ASN A 152 3.68 -17.87 -9.19
N LYS A 153 2.43 -17.65 -9.56
CA LYS A 153 1.45 -17.14 -8.61
C LYS A 153 1.15 -18.20 -7.56
N ILE A 154 1.27 -17.83 -6.29
CA ILE A 154 1.04 -18.74 -5.18
C ILE A 154 -0.23 -18.31 -4.46
N ASP A 155 -1.23 -19.18 -4.48
CA ASP A 155 -2.51 -18.89 -3.84
C ASP A 155 -2.36 -19.05 -2.32
N LEU A 156 -2.58 -17.95 -1.61
CA LEU A 156 -2.43 -17.95 -0.15
C LEU A 156 -3.71 -18.33 0.59
N THR A 157 -4.84 -18.43 -0.12
CA THR A 157 -6.12 -18.66 0.55
C THR A 157 -6.92 -19.83 -0.01
N LYS A 158 -6.43 -20.53 -1.03
CA LYS A 158 -7.19 -21.66 -1.56
C LYS A 158 -7.29 -22.79 -0.56
N ASP A 159 -6.30 -22.93 0.32
CA ASP A 159 -6.33 -23.92 1.38
C ASP A 159 -5.93 -23.22 2.68
N SER A 160 -5.50 -24.00 3.68
CA SER A 160 -5.11 -23.47 4.97
C SER A 160 -3.65 -23.78 5.29
N SER A 161 -2.85 -24.13 4.28
CA SER A 161 -1.46 -24.49 4.50
C SER A 161 -0.51 -23.31 4.45
N LYS A 162 -0.97 -22.14 3.99
CA LYS A 162 -0.11 -20.99 3.81
C LYS A 162 -0.36 -19.86 4.80
N VAL A 163 -1.60 -19.73 5.29
CA VAL A 163 -1.97 -18.62 6.18
C VAL A 163 -2.62 -19.22 7.42
N LYS A 164 -2.06 -18.90 8.59
CA LYS A 164 -2.57 -19.37 9.86
C LYS A 164 -3.38 -18.27 10.54
N ASN A 165 -4.36 -18.69 11.34
CA ASN A 165 -5.23 -17.77 12.09
C ASN A 165 -6.08 -16.92 11.15
N GLN A 166 -6.54 -17.52 10.07
CA GLN A 166 -7.51 -16.86 9.21
C GLN A 166 -8.90 -17.00 9.81
N PRO A 167 -9.61 -15.91 10.09
CA PRO A 167 -10.90 -16.02 10.75
C PRO A 167 -11.90 -16.80 9.91
N SER A 168 -12.73 -17.59 10.59
CA SER A 168 -13.73 -18.38 9.88
C SER A 168 -14.81 -17.51 9.26
N ASN A 169 -15.12 -16.37 9.87
CA ASN A 169 -16.15 -15.48 9.36
C ASN A 169 -15.55 -14.46 8.40
N THR A 170 -14.54 -14.88 7.64
CA THR A 170 -13.85 -14.00 6.71
C THR A 170 -14.63 -13.89 5.41
N ILE A 171 -15.02 -12.67 5.05
CA ILE A 171 -15.61 -12.43 3.74
C ILE A 171 -14.52 -12.36 2.68
N GLY A 172 -13.37 -11.80 3.04
CA GLY A 172 -12.24 -11.66 2.14
C GLY A 172 -11.19 -10.74 2.74
N TRP A 173 -9.96 -10.81 2.26
CA TRP A 173 -8.92 -9.92 2.75
C TRP A 173 -7.85 -9.77 1.68
N LEU A 174 -7.03 -8.73 1.85
CA LEU A 174 -5.92 -8.45 0.94
C LEU A 174 -4.92 -7.56 1.69
N GLY A 175 -3.85 -7.21 0.99
CA GLY A 175 -2.83 -6.37 1.59
C GLY A 175 -3.29 -4.95 1.82
N GLY A 176 -2.51 -4.23 2.63
CA GLY A 176 -2.87 -2.88 3.02
C GLY A 176 -2.60 -1.85 1.95
N VAL A 177 -2.21 -2.31 0.76
CA VAL A 177 -1.93 -1.46 -0.39
C VAL A 177 -0.78 -0.51 -0.08
N GLY A 178 0.44 -0.95 -0.40
CA GLY A 178 1.62 -0.15 -0.13
C GLY A 178 2.85 -1.01 0.04
N SER A 179 3.60 -0.78 1.12
CA SER A 179 4.81 -1.53 1.38
C SER A 179 4.77 -2.12 2.79
N GLY A 180 5.37 -3.29 2.94
CA GLY A 180 5.57 -3.90 4.23
C GLY A 180 6.89 -3.48 4.85
N ILE A 181 7.23 -4.14 5.96
CA ILE A 181 8.46 -3.84 6.70
C ILE A 181 9.12 -5.16 7.11
N VAL A 182 10.35 -5.04 7.56
CA VAL A 182 11.12 -6.16 8.10
C VAL A 182 11.54 -5.81 9.52
N MET A 183 11.24 -6.70 10.45
CA MET A 183 11.56 -6.46 11.85
C MET A 183 13.06 -6.59 12.08
N ASP A 184 13.46 -6.45 13.35
CA ASP A 184 14.87 -6.53 13.70
C ASP A 184 15.43 -7.92 13.36
N ASP A 185 14.76 -8.98 13.81
CA ASP A 185 15.23 -10.34 13.61
C ASP A 185 14.98 -10.86 12.19
N GLY A 186 14.41 -10.05 11.31
CA GLY A 186 14.14 -10.47 9.95
C GLY A 186 12.71 -10.84 9.67
N THR A 187 11.81 -10.70 10.64
CA THR A 187 10.41 -11.04 10.43
C THR A 187 9.77 -10.05 9.47
N ILE A 188 9.18 -10.57 8.39
CA ILE A 188 8.49 -9.72 7.42
C ILE A 188 7.08 -9.47 7.92
N VAL A 189 6.68 -8.20 7.95
CA VAL A 189 5.34 -7.79 8.35
C VAL A 189 4.68 -7.07 7.18
N MET A 190 3.47 -7.50 6.83
CA MET A 190 2.72 -6.93 5.73
C MET A 190 1.43 -6.32 6.25
N PRO A 191 1.10 -5.09 5.87
CA PRO A 191 -0.20 -4.54 6.25
C PRO A 191 -1.32 -5.24 5.49
N ALA A 192 -2.48 -5.34 6.15
CA ALA A 192 -3.58 -6.08 5.57
C ALA A 192 -4.91 -5.42 5.95
N GLN A 193 -5.93 -5.72 5.15
CA GLN A 193 -7.30 -5.32 5.40
C GLN A 193 -8.20 -6.54 5.23
N ILE A 194 -9.18 -6.69 6.12
CA ILE A 194 -10.04 -7.86 6.13
C ILE A 194 -11.49 -7.43 6.27
N SER A 195 -12.39 -8.21 5.69
CA SER A 195 -13.83 -8.03 5.83
C SER A 195 -14.41 -9.22 6.56
N LEU A 196 -15.14 -8.95 7.64
CA LEU A 196 -15.65 -9.99 8.53
C LEU A 196 -17.16 -9.92 8.62
N ARG A 197 -17.79 -11.09 8.72
CA ARG A 197 -19.23 -11.20 8.90
C ARG A 197 -19.54 -11.23 10.39
N GLU A 198 -20.12 -10.14 10.90
CA GLU A 198 -20.40 -9.99 12.32
C GLU A 198 -21.81 -9.45 12.50
N ASN A 199 -22.68 -10.27 13.09
CA ASN A 199 -24.03 -9.87 13.48
C ASN A 199 -24.80 -9.28 12.31
N ASN A 200 -25.02 -10.11 11.29
CA ASN A 200 -25.81 -9.77 10.11
C ASN A 200 -25.23 -8.58 9.34
N GLU A 201 -23.97 -8.24 9.58
CA GLU A 201 -23.34 -7.09 8.94
C GLU A 201 -21.96 -7.47 8.43
N ASN A 202 -21.46 -6.67 7.49
CA ASN A 202 -20.12 -6.81 6.94
C ASN A 202 -19.29 -5.64 7.46
N ASN A 203 -18.38 -5.92 8.38
CA ASN A 203 -17.48 -4.90 8.93
C ASN A 203 -16.06 -5.22 8.46
N TYR A 204 -15.37 -4.21 7.93
CA TYR A 204 -14.00 -4.37 7.48
C TYR A 204 -13.04 -3.64 8.40
N TYR A 205 -11.92 -4.28 8.70
CA TYR A 205 -10.92 -3.77 9.62
C TYR A 205 -9.54 -3.83 8.98
N SER A 206 -8.61 -3.10 9.59
CA SER A 206 -7.20 -3.20 9.25
C SER A 206 -6.50 -4.13 10.23
N LEU A 207 -5.38 -4.68 9.78
CA LEU A 207 -4.56 -5.57 10.60
C LEU A 207 -3.25 -5.82 9.85
N ILE A 208 -2.45 -6.77 10.35
CA ILE A 208 -1.17 -7.10 9.75
C ILE A 208 -1.06 -8.62 9.65
N ILE A 209 -0.20 -9.06 8.73
CA ILE A 209 0.21 -10.45 8.63
C ILE A 209 1.74 -10.47 8.63
N TYR A 210 2.30 -11.54 9.18
CA TYR A 210 3.75 -11.64 9.28
C TYR A 210 4.22 -13.02 8.84
N SER A 211 5.46 -13.06 8.34
CA SER A 211 6.10 -14.28 7.88
C SER A 211 7.50 -14.36 8.47
N LYS A 212 7.86 -15.53 9.00
CA LYS A 212 9.18 -15.76 9.55
C LYS A 212 9.98 -16.75 8.71
N ASP A 213 9.55 -17.01 7.47
CA ASP A 213 10.24 -17.94 6.58
C ASP A 213 10.32 -17.36 5.17
N ASN A 214 10.69 -16.08 5.08
CA ASN A 214 10.93 -15.40 3.80
C ASN A 214 9.69 -15.37 2.92
N GLY A 215 8.50 -15.37 3.52
CA GLY A 215 7.26 -15.24 2.79
C GLY A 215 6.62 -16.54 2.36
N GLU A 216 7.15 -17.69 2.78
CA GLU A 216 6.56 -18.96 2.40
C GLU A 216 5.20 -19.15 3.07
N THR A 217 5.15 -19.00 4.39
CA THR A 217 3.91 -19.11 5.15
C THR A 217 3.72 -17.83 5.96
N TRP A 218 2.46 -17.56 6.32
CA TRP A 218 2.10 -16.35 7.03
C TRP A 218 1.20 -16.66 8.20
N THR A 219 1.20 -15.76 9.18
CA THR A 219 0.30 -15.82 10.33
C THR A 219 -0.48 -14.51 10.40
N MET A 220 -1.79 -14.61 10.52
CA MET A 220 -2.67 -13.45 10.49
C MET A 220 -2.84 -12.88 11.89
N GLY A 221 -2.62 -11.57 12.03
CA GLY A 221 -2.85 -10.88 13.28
C GLY A 221 -4.32 -10.64 13.53
N ASN A 222 -4.60 -9.90 14.60
CA ASN A 222 -5.95 -9.55 14.98
C ASN A 222 -6.32 -8.14 14.50
N LYS A 223 -7.61 -7.88 14.45
CA LYS A 223 -8.11 -6.63 13.88
C LYS A 223 -7.90 -5.47 14.83
N VAL A 224 -7.81 -4.27 14.26
CA VAL A 224 -7.64 -3.02 15.00
C VAL A 224 -8.94 -2.71 15.73
N PRO A 225 -8.94 -1.84 16.75
CA PRO A 225 -10.14 -1.68 17.58
C PRO A 225 -11.33 -1.04 16.87
N ASN A 226 -11.16 -0.44 15.71
CA ASN A 226 -12.23 0.29 15.06
C ASN A 226 -12.51 -0.26 13.66
N SER A 227 -13.79 -0.39 13.33
CA SER A 227 -14.21 -0.78 11.99
C SER A 227 -14.08 0.42 11.04
N ASN A 228 -14.47 0.21 9.78
CA ASN A 228 -14.31 1.19 8.71
C ASN A 228 -12.85 1.56 8.48
N THR A 229 -11.93 0.69 8.90
CA THR A 229 -10.51 0.84 8.62
C THR A 229 -10.09 -0.20 7.59
N SER A 230 -9.16 0.17 6.72
CA SER A 230 -8.80 -0.70 5.61
C SER A 230 -7.33 -0.56 5.23
N GLU A 231 -7.07 0.14 4.12
CA GLU A 231 -5.71 0.26 3.60
C GLU A 231 -4.82 0.98 4.60
N ASN A 232 -3.63 0.42 4.83
CA ASN A 232 -2.74 0.94 5.86
C ASN A 232 -1.32 0.51 5.57
N MET A 233 -0.40 1.02 6.40
CA MET A 233 0.98 0.59 6.42
C MET A 233 1.50 0.73 7.85
N VAL A 234 2.44 -0.15 8.21
CA VAL A 234 2.98 -0.16 9.55
C VAL A 234 4.47 0.14 9.49
N ILE A 235 4.98 0.75 10.57
CA ILE A 235 6.41 0.94 10.76
C ILE A 235 6.81 0.25 12.06
N GLU A 236 8.09 -0.07 12.17
CA GLU A 236 8.64 -0.63 13.40
C GLU A 236 9.32 0.49 14.18
N LEU A 237 9.04 0.55 15.48
CA LEU A 237 9.66 1.54 16.36
C LEU A 237 9.96 0.88 17.69
N ASP A 238 11.23 0.52 17.89
CA ASP A 238 11.70 -0.09 19.14
C ASP A 238 10.91 -1.35 19.48
N GLY A 239 10.67 -2.18 18.46
CA GLY A 239 9.95 -3.42 18.62
C GLY A 239 8.46 -3.33 18.41
N ALA A 240 7.87 -2.14 18.54
CA ALA A 240 6.44 -1.98 18.38
C ALA A 240 6.07 -1.73 16.92
N LEU A 241 4.79 -1.96 16.62
CA LEU A 241 4.23 -1.70 15.29
C LEU A 241 3.29 -0.50 15.42
N ILE A 242 3.58 0.56 14.67
CA ILE A 242 2.72 1.75 14.62
C ILE A 242 2.07 1.78 13.25
N MET A 243 0.74 1.83 13.24
CA MET A 243 -0.05 1.79 12.01
C MET A 243 -0.63 3.15 11.71
N SER A 244 -0.70 3.48 10.42
CA SER A 244 -1.41 4.66 9.93
C SER A 244 -2.40 4.18 8.88
N THR A 245 -3.68 4.14 9.24
CA THR A 245 -4.69 3.45 8.46
C THR A 245 -5.73 4.42 7.91
N ARG A 246 -6.40 3.98 6.85
CA ARG A 246 -7.50 4.72 6.25
C ARG A 246 -8.77 4.48 7.07
N TYR A 247 -9.27 5.54 7.68
CA TYR A 247 -10.44 5.49 8.56
C TYR A 247 -11.59 6.20 7.85
N ASP A 248 -12.44 5.42 7.19
CA ASP A 248 -13.44 5.98 6.29
C ASP A 248 -14.48 6.79 7.05
N TYR A 249 -14.81 7.97 6.52
CA TYR A 249 -15.84 8.86 7.02
C TYR A 249 -15.54 9.38 8.42
N SER A 250 -14.28 9.30 8.86
CA SER A 250 -13.86 9.91 10.10
C SER A 250 -13.20 11.27 9.89
N GLY A 251 -12.75 11.57 8.68
CA GLY A 251 -12.09 12.81 8.39
C GLY A 251 -10.60 12.82 8.62
N TYR A 252 -10.03 11.72 9.12
CA TYR A 252 -8.61 11.68 9.43
C TYR A 252 -8.09 10.26 9.24
N ARG A 253 -6.77 10.12 9.32
CA ARG A 253 -6.13 8.81 9.31
C ARG A 253 -5.94 8.35 10.75
N ALA A 254 -6.48 7.18 11.07
CA ALA A 254 -6.33 6.64 12.41
C ALA A 254 -4.92 6.06 12.58
N ALA A 255 -4.53 5.90 13.84
CA ALA A 255 -3.21 5.37 14.17
C ALA A 255 -3.31 4.48 15.40
N TYR A 256 -2.69 3.31 15.32
CA TYR A 256 -2.67 2.35 16.41
C TYR A 256 -1.23 1.87 16.65
N ILE A 257 -1.00 1.34 17.85
CA ILE A 257 0.30 0.81 18.23
C ILE A 257 0.11 -0.59 18.79
N SER A 258 1.06 -1.48 18.49
CA SER A 258 1.01 -2.86 18.94
C SER A 258 2.38 -3.27 19.45
N HIS A 259 2.42 -3.91 20.62
CA HIS A 259 3.68 -4.36 21.21
C HIS A 259 3.83 -5.88 21.16
N ASP A 260 2.92 -6.59 20.48
CA ASP A 260 2.95 -8.03 20.38
C ASP A 260 2.79 -8.49 18.93
N LEU A 261 3.38 -7.73 18.01
CA LEU A 261 3.39 -8.07 16.58
C LEU A 261 1.98 -8.21 16.02
N GLY A 262 1.10 -7.28 16.38
CA GLY A 262 -0.21 -7.20 15.78
C GLY A 262 -1.28 -8.07 16.39
N SER A 263 -1.10 -8.55 17.62
CA SER A 263 -2.14 -9.32 18.28
C SER A 263 -3.11 -8.43 19.06
N THR A 264 -2.58 -7.41 19.73
CA THR A 264 -3.38 -6.41 20.42
C THR A 264 -3.04 -5.03 19.89
N TRP A 265 -3.96 -4.10 20.05
CA TRP A 265 -3.81 -2.76 19.48
C TRP A 265 -4.34 -1.71 20.45
N GLU A 266 -3.61 -0.60 20.55
CA GLU A 266 -4.04 0.57 21.31
C GLU A 266 -3.96 1.78 20.40
N ILE A 267 -4.75 2.80 20.73
CA ILE A 267 -4.72 4.05 19.97
C ILE A 267 -3.38 4.74 20.17
N TYR A 268 -2.69 5.04 19.07
CA TYR A 268 -1.43 5.78 19.13
C TYR A 268 -1.74 7.26 19.01
N GLU A 269 -1.80 7.94 20.15
CA GLU A 269 -2.21 9.35 20.18
C GLU A 269 -1.33 10.28 19.35
N PRO A 270 0.01 10.18 19.37
CA PRO A 270 0.82 11.17 18.64
C PRO A 270 0.52 11.26 17.15
N LEU A 271 -0.07 10.22 16.55
CA LEU A 271 -0.40 10.24 15.14
C LEU A 271 -1.88 10.09 14.85
N ASN A 272 -2.68 9.58 15.79
CA ASN A 272 -4.10 9.37 15.56
C ASN A 272 -4.82 10.69 15.35
N GLY A 273 -5.49 10.83 14.21
CA GLY A 273 -6.24 12.04 13.91
C GLY A 273 -5.42 13.24 13.52
N LYS A 274 -4.09 13.11 13.41
CA LYS A 274 -3.25 14.25 13.09
C LYS A 274 -3.28 14.57 11.60
N VAL A 275 -3.37 13.56 10.74
CA VAL A 275 -3.43 13.74 9.30
C VAL A 275 -4.90 13.74 8.88
N LEU A 276 -5.41 14.91 8.52
CA LEU A 276 -6.80 15.04 8.11
C LEU A 276 -6.96 14.65 6.64
N THR A 277 -8.15 14.14 6.31
CA THR A 277 -8.41 13.60 4.97
C THR A 277 -9.64 14.21 4.31
N GLY A 278 -10.24 15.24 4.88
CA GLY A 278 -11.39 15.88 4.27
C GLY A 278 -12.65 15.05 4.40
N LYS A 279 -13.75 15.63 3.94
CA LYS A 279 -15.06 14.99 4.06
C LYS A 279 -15.18 13.84 3.06
N GLY A 280 -16.11 12.95 3.35
CA GLY A 280 -16.34 11.79 2.51
C GLY A 280 -15.52 10.59 2.94
N SER A 281 -15.33 9.68 1.99
CA SER A 281 -14.55 8.48 2.24
C SER A 281 -13.08 8.83 2.42
N GLY A 282 -12.36 7.93 3.07
CA GLY A 282 -10.93 8.07 3.23
C GLY A 282 -10.19 7.80 1.92
N CYS A 283 -8.88 7.70 2.04
CA CYS A 283 -8.03 7.44 0.89
C CYS A 283 -6.77 6.72 1.34
N GLN A 284 -6.22 5.92 0.43
CA GLN A 284 -4.98 5.21 0.71
C GLN A 284 -3.82 6.20 0.85
N GLY A 285 -2.85 5.83 1.68
CA GLY A 285 -1.63 6.59 1.82
C GLY A 285 -0.48 5.66 2.14
N SER A 286 0.72 6.25 2.26
CA SER A 286 1.91 5.51 2.62
C SER A 286 2.48 6.04 3.92
N PHE A 287 3.09 5.15 4.70
CA PHE A 287 3.64 5.49 6.01
C PHE A 287 4.95 4.73 6.17
N ILE A 288 6.07 5.45 6.12
CA ILE A 288 7.39 4.84 6.19
C ILE A 288 8.21 5.54 7.27
N LYS A 289 9.25 4.87 7.71
CA LYS A 289 10.15 5.37 8.75
C LYS A 289 11.51 5.72 8.14
N ALA A 290 12.11 6.79 8.64
CA ALA A 290 13.45 7.19 8.23
C ALA A 290 14.23 7.62 9.47
N THR A 291 15.54 7.33 9.46
CA THR A 291 16.43 7.68 10.56
C THR A 291 17.38 8.76 10.08
N THR A 292 17.21 9.96 10.60
CA THR A 292 18.04 11.09 10.21
C THR A 292 19.43 10.98 10.84
N SER A 293 20.32 11.89 10.41
CA SER A 293 21.72 11.81 10.83
C SER A 293 21.88 12.03 12.32
N ASN A 294 20.98 12.81 12.94
CA ASN A 294 21.05 13.03 14.37
C ASN A 294 20.56 11.83 15.19
N GLY A 295 20.22 10.73 14.53
CA GLY A 295 19.72 9.55 15.21
C GLY A 295 18.23 9.50 15.41
N HIS A 296 17.51 10.57 15.09
CA HIS A 296 16.08 10.61 15.29
C HIS A 296 15.35 9.71 14.30
N ARG A 297 14.30 9.06 14.76
CA ARG A 297 13.45 8.23 13.91
C ARG A 297 12.22 9.05 13.53
N ILE A 298 12.06 9.31 12.23
CA ILE A 298 10.97 10.13 11.74
C ILE A 298 10.02 9.28 10.92
N GLY A 299 8.76 9.73 10.86
CA GLY A 299 7.73 9.08 10.06
C GLY A 299 7.31 9.99 8.93
N LEU A 300 7.19 9.41 7.73
CA LEU A 300 6.81 10.15 6.54
C LEU A 300 5.51 9.57 6.00
N ILE A 301 4.49 10.43 5.89
CA ILE A 301 3.16 10.02 5.45
C ILE A 301 2.83 10.79 4.16
N SER A 302 2.32 10.06 3.17
CA SER A 302 1.86 10.66 1.93
C SER A 302 0.37 10.38 1.79
N ALA A 303 -0.41 11.44 1.61
CA ALA A 303 -1.86 11.31 1.49
C ALA A 303 -2.40 12.61 0.93
N PRO A 304 -3.51 12.58 0.19
CA PRO A 304 -4.09 13.83 -0.31
C PRO A 304 -4.75 14.61 0.81
N LYS A 305 -4.63 15.94 0.74
CA LYS A 305 -5.29 16.79 1.71
C LYS A 305 -6.80 16.75 1.55
N ASN A 306 -7.29 16.62 0.32
CA ASN A 306 -8.72 16.50 0.02
C ASN A 306 -9.51 17.67 0.61
N THR A 307 -8.95 18.88 0.48
CA THR A 307 -9.65 20.07 0.95
C THR A 307 -10.93 20.33 0.19
N LYS A 308 -11.06 19.78 -1.03
CA LYS A 308 -12.26 19.94 -1.83
C LYS A 308 -13.29 18.83 -1.59
N GLY A 309 -12.90 17.76 -0.91
CA GLY A 309 -13.85 16.81 -0.36
C GLY A 309 -14.14 15.65 -1.28
N GLU A 310 -14.70 14.60 -0.68
CA GLU A 310 -15.20 13.39 -1.37
C GLU A 310 -14.03 12.76 -2.12
N TYR A 311 -14.23 12.29 -3.34
CA TYR A 311 -13.21 11.58 -4.10
C TYR A 311 -12.36 12.50 -4.96
N ILE A 312 -12.45 13.82 -4.76
CA ILE A 312 -11.58 14.75 -5.47
C ILE A 312 -10.14 14.51 -5.07
N ARG A 313 -9.87 14.46 -3.76
CA ARG A 313 -8.58 14.07 -3.20
C ARG A 313 -7.45 14.92 -3.77
N ASP A 314 -7.58 16.23 -3.57
CA ASP A 314 -6.61 17.18 -4.08
C ASP A 314 -5.36 17.21 -3.19
N ASN A 315 -4.26 17.65 -3.79
CA ASN A 315 -3.02 17.93 -3.07
C ASN A 315 -2.48 16.72 -2.33
N ILE A 316 -1.87 15.78 -3.05
CA ILE A 316 -1.16 14.68 -2.43
C ILE A 316 0.06 15.24 -1.72
N ALA A 317 -0.01 15.34 -0.40
CA ALA A 317 1.02 15.98 0.40
C ALA A 317 1.85 14.94 1.15
N VAL A 318 3.02 15.38 1.61
CA VAL A 318 3.94 14.55 2.37
C VAL A 318 4.11 15.19 3.75
N TYR A 319 3.75 14.44 4.79
CA TYR A 319 3.83 14.90 6.16
C TYR A 319 5.01 14.25 6.87
N MET A 320 5.43 14.86 7.98
CA MET A 320 6.56 14.38 8.75
C MET A 320 6.28 14.51 10.24
N ILE A 321 6.63 13.47 10.99
CA ILE A 321 6.60 13.49 12.44
C ILE A 321 7.95 12.99 12.94
N ASP A 322 8.39 13.54 14.07
CA ASP A 322 9.63 13.14 14.73
C ASP A 322 9.26 12.37 15.98
N PHE A 323 9.49 11.05 15.96
CA PHE A 323 9.11 10.21 17.10
C PHE A 323 9.97 10.51 18.33
N ASP A 324 11.19 10.99 18.13
CA ASP A 324 12.06 11.37 19.22
C ASP A 324 11.95 12.85 19.58
N ASP A 325 10.92 13.52 19.08
CA ASP A 325 10.60 14.91 19.42
C ASP A 325 9.09 15.08 19.24
N LEU A 326 8.31 14.35 20.04
CA LEU A 326 6.87 14.26 19.84
C LEU A 326 6.13 15.55 20.20
N SER A 327 6.78 16.49 20.90
CA SER A 327 6.12 17.76 21.17
C SER A 327 6.00 18.63 19.92
N LYS A 328 6.87 18.42 18.93
CA LYS A 328 6.77 19.13 17.67
C LYS A 328 5.64 18.54 16.83
N ARG A 329 4.77 19.40 16.32
CA ARG A 329 3.59 18.93 15.61
C ARG A 329 3.95 18.40 14.22
N VAL A 330 3.04 17.61 13.66
CA VAL A 330 3.24 17.05 12.34
C VAL A 330 3.40 18.17 11.33
N GLN A 331 4.43 18.05 10.48
CA GLN A 331 4.80 19.09 9.54
C GLN A 331 4.47 18.67 8.12
N GLU A 332 3.87 19.57 7.37
CA GLU A 332 3.71 19.39 5.93
C GLU A 332 5.05 19.73 5.26
N ILE A 333 5.68 18.74 4.66
CA ILE A 333 6.99 18.94 4.04
C ILE A 333 6.85 19.50 2.62
N CYS A 334 6.00 18.87 1.81
CA CYS A 334 5.79 19.31 0.44
C CYS A 334 4.50 18.69 -0.07
N ILE A 335 4.07 19.16 -1.24
CA ILE A 335 2.91 18.60 -1.92
C ILE A 335 3.35 18.16 -3.31
N PRO A 336 3.83 16.93 -3.47
CA PRO A 336 4.31 16.48 -4.79
C PRO A 336 3.28 16.59 -5.90
N TYR A 337 1.99 16.57 -5.59
CA TYR A 337 0.93 16.68 -6.60
C TYR A 337 -0.09 17.70 -6.12
N PRO A 338 0.17 19.00 -6.35
CA PRO A 338 -0.73 20.06 -5.87
C PRO A 338 -1.91 20.34 -6.81
N LYS A 339 -2.55 19.28 -7.26
CA LYS A 339 -3.69 19.38 -8.16
C LYS A 339 -4.83 18.50 -7.66
N ASP A 340 -6.01 18.75 -8.21
CA ASP A 340 -7.16 17.89 -7.93
C ASP A 340 -6.93 16.51 -8.55
N GLY A 341 -7.33 15.48 -7.83
CA GLY A 341 -7.35 14.15 -8.41
C GLY A 341 -8.58 13.93 -9.27
N ASN A 342 -8.53 12.88 -10.09
CA ASN A 342 -9.65 12.54 -10.94
C ASN A 342 -10.71 11.81 -10.12
N LYS A 343 -11.94 12.30 -10.18
CA LYS A 343 -13.03 11.71 -9.40
C LYS A 343 -13.34 10.28 -9.81
N LEU A 344 -12.89 9.87 -10.99
CA LEU A 344 -13.05 8.47 -11.40
C LEU A 344 -12.10 7.55 -10.64
N GLY A 345 -11.03 8.08 -10.05
CA GLY A 345 -10.07 7.27 -9.33
C GLY A 345 -8.71 7.92 -9.23
N GLY A 346 -8.38 8.44 -8.06
CA GLY A 346 -7.10 9.11 -7.87
C GLY A 346 -6.78 9.25 -6.40
N GLY A 347 -5.64 9.87 -6.12
CA GLY A 347 -5.22 10.19 -4.78
C GLY A 347 -4.23 9.23 -4.16
N TYR A 348 -4.15 8.00 -4.66
CA TYR A 348 -3.26 7.01 -4.07
C TYR A 348 -1.81 7.38 -4.31
N SER A 349 -0.95 7.05 -3.33
CA SER A 349 0.46 7.35 -3.41
C SER A 349 1.23 6.28 -2.65
N CYS A 350 2.56 6.33 -2.79
CA CYS A 350 3.43 5.39 -2.09
C CYS A 350 4.83 5.98 -2.01
N LEU A 351 5.37 6.07 -0.81
CA LEU A 351 6.73 6.54 -0.58
C LEU A 351 7.68 5.36 -0.39
N SER A 352 8.96 5.62 -0.62
CA SER A 352 9.99 4.61 -0.41
C SER A 352 11.29 5.34 -0.06
N PHE A 353 11.91 4.94 1.04
CA PHE A 353 13.12 5.57 1.54
C PHE A 353 14.19 4.52 1.72
N LYS A 354 15.40 4.81 1.24
CA LYS A 354 16.53 3.90 1.39
C LYS A 354 17.81 4.65 1.07
N ASN A 355 18.80 4.51 1.95
CA ASN A 355 20.13 5.09 1.75
C ASN A 355 20.05 6.60 1.52
N SER A 356 19.29 7.27 2.38
CA SER A 356 19.14 8.73 2.38
C SER A 356 18.46 9.25 1.11
N HIS A 357 17.79 8.39 0.36
CA HIS A 357 17.06 8.78 -0.83
C HIS A 357 15.57 8.55 -0.62
N LEU A 358 14.76 9.50 -1.09
CA LEU A 358 13.32 9.46 -0.91
C LEU A 358 12.65 9.60 -2.27
N SER A 359 11.74 8.67 -2.58
CA SER A 359 11.02 8.68 -3.84
C SER A 359 9.54 8.46 -3.58
N ILE A 360 8.72 8.89 -4.54
CA ILE A 360 7.27 8.78 -4.43
C ILE A 360 6.68 8.45 -5.80
N VAL A 361 5.62 7.65 -5.79
CA VAL A 361 4.78 7.43 -6.97
C VAL A 361 3.35 7.73 -6.56
N TYR A 362 2.57 8.28 -7.48
CA TYR A 362 1.22 8.72 -7.15
C TYR A 362 0.38 8.74 -8.41
N GLU A 363 -0.94 8.75 -8.20
CA GLU A 363 -1.88 8.83 -9.31
C GLU A 363 -2.06 10.28 -9.75
N ALA A 364 -2.19 10.48 -11.06
CA ALA A 364 -2.28 11.83 -11.61
C ALA A 364 -3.14 11.78 -12.88
N ASN A 365 -4.45 11.95 -12.69
CA ASN A 365 -5.41 12.04 -13.77
C ASN A 365 -5.31 10.83 -14.71
N GLY A 366 -5.50 9.65 -14.13
CA GLY A 366 -5.41 8.41 -14.87
C GLY A 366 -4.01 7.90 -15.12
N ASN A 367 -2.99 8.71 -14.90
CA ASN A 367 -1.61 8.31 -15.07
C ASN A 367 -0.97 8.01 -13.72
N ILE A 368 0.26 7.50 -13.77
CA ILE A 368 1.11 7.32 -12.60
C ILE A 368 2.38 8.11 -12.84
N GLU A 369 2.66 9.08 -11.97
CA GLU A 369 3.85 9.90 -12.06
C GLU A 369 4.86 9.50 -11.01
N TYR A 370 6.12 9.84 -11.27
CA TYR A 370 7.22 9.55 -10.36
C TYR A 370 7.96 10.84 -10.03
N GLN A 371 8.47 10.91 -8.80
CA GLN A 371 9.27 12.05 -8.36
C GLN A 371 10.34 11.57 -7.40
N ASP A 372 11.48 12.24 -7.43
CA ASP A 372 12.57 12.01 -6.49
C ASP A 372 12.52 13.10 -5.43
N LEU A 373 12.07 12.74 -4.22
CA LEU A 373 11.93 13.68 -3.13
C LEU A 373 13.17 13.74 -2.23
N THR A 374 14.32 13.27 -2.73
CA THR A 374 15.54 13.29 -1.92
C THR A 374 15.95 14.69 -1.46
N PRO A 375 15.89 15.75 -2.28
CA PRO A 375 16.24 17.08 -1.76
C PRO A 375 15.38 17.53 -0.59
N TYR A 376 14.14 17.04 -0.50
CA TYR A 376 13.30 17.39 0.64
C TYR A 376 13.72 16.65 1.90
N TYR A 377 14.19 15.40 1.78
CA TYR A 377 14.74 14.72 2.93
C TYR A 377 16.04 15.36 3.40
N SER A 378 16.84 15.89 2.47
CA SER A 378 18.06 16.59 2.86
C SER A 378 17.74 17.84 3.66
N LEU A 379 16.65 18.53 3.33
CA LEU A 379 16.19 19.64 4.15
C LEU A 379 15.80 19.15 5.54
N ILE A 380 15.29 17.93 5.65
CA ILE A 380 14.94 17.36 6.95
C ILE A 380 16.19 16.96 7.71
N ASN A 381 17.13 16.30 7.02
CA ASN A 381 18.30 15.74 7.69
C ASN A 381 19.17 16.79 8.37
N LYS A 382 19.11 18.04 7.89
CA LYS A 382 19.83 19.16 8.52
C LYS A 382 21.33 18.87 8.63
N GLN A 383 21.92 18.44 7.53
CA GLN A 383 23.34 18.13 7.50
C GLN A 383 24.11 19.19 6.71
#